data_5AJP
#
_entry.id   5AJP
#
_cell.length_a   87.266
_cell.length_b   87.266
_cell.length_c   178.590
_cell.angle_alpha   90.00
_cell.angle_beta   90.00
_cell.angle_gamma   90.00
#
_symmetry.space_group_name_H-M   'I 41'
#
loop_
_entity.id
_entity.type
_entity.pdbx_description
1 polymer 'POLYPEPTIDE N-ACETYLGALACTOSAMINYLTRANSFERASE 2'
2 polymer MUCIN
3 non-polymer "URIDINE-5'-DIPHOSPHATE"
4 non-polymer 'SULFATE ION'
5 non-polymer 'MANGANESE (II) ION'
6 non-polymer 2-acetamido-2-deoxy-alpha-D-galactopyranose
7 water water
#
loop_
_entity_poly.entity_id
_entity_poly.type
_entity_poly.pdbx_seq_one_letter_code
_entity_poly.pdbx_strand_id
1 'polypeptide(L)'
;MRRRSRMLLCFAFLWVLGIAYYMYSGGGSALAGGAGGGAGRKEDWNEIDPIKKKDLHHSNGEEKAQSMETLPPGKVRWPD
FNQEAYVGGTMVRSGQDPYARNKFNQVESDKLRMDRAIPDTRHDQCQRKQWRVDLPATSVVITFHNEARSALLRTVVSVL
KKSPPHLIKEIILVDDYSNDPEDGALLGKIEKVRVLRNDRREGLMRSRVRGADAAQAKVLTFLDSHCECNEHWLEPLLER
VAEDRTRVVSPIIDVINMDNFQYVGASADLKGGFDWNLVFKWDYMTPEQRRSRQGNPVAPIKTPMIAGGLFVMDKFYFEE
LGKYDMMMDVWGGENLEISFRVWQCGGSLEIIPCSRVGHVFRKQHPYTFPGGSGTVFARNTRRAAEVWMDEYKNFYYAAV
PSARNVPYGNIQSRLELRKKLSCKPFKWYLENVYPELRVPDHQDIAFGALQQGTNCLDTLGHFADGVVGVYECHNAGGNQ
EWALTKEKSVKHMDLCLTVVDRAPGSLIKLQGCREDDSRQKWEQIEGNSKLRHVGSNLCLDSRTAKSGGLSVEVCGPALS
QQWKFTLNLQQ
;
A
2 'polypeptide(L)' AGTTPSPVPTTSTTSAA B
#
# COMPACT_ATOMS: atom_id res chain seq x y z
N LYS A 75 -32.26 -14.09 8.45
CA LYS A 75 -33.28 -14.91 9.18
C LYS A 75 -33.21 -14.69 10.70
N VAL A 76 -32.03 -14.41 11.25
CA VAL A 76 -31.97 -13.68 12.51
C VAL A 76 -31.51 -12.28 12.28
N ARG A 77 -32.11 -11.33 12.99
CA ARG A 77 -31.67 -9.96 12.99
C ARG A 77 -30.32 -9.92 13.72
N TRP A 78 -29.38 -9.09 13.28
CA TRP A 78 -28.04 -9.20 13.84
C TRP A 78 -27.98 -9.09 15.37
N PRO A 79 -28.80 -8.23 16.03
CA PRO A 79 -28.63 -8.15 17.49
C PRO A 79 -28.93 -9.47 18.19
N ASP A 80 -29.67 -10.36 17.52
CA ASP A 80 -30.02 -11.67 18.11
C ASP A 80 -29.07 -12.79 17.73
N PHE A 81 -28.04 -12.50 16.96
CA PHE A 81 -27.10 -13.51 16.58
C PHE A 81 -26.28 -13.87 17.81
N ASN A 82 -26.09 -15.16 18.05
CA ASN A 82 -25.40 -15.63 19.25
C ASN A 82 -23.88 -15.63 19.05
N GLN A 83 -23.27 -14.48 19.35
CA GLN A 83 -21.84 -14.32 19.15
C GLN A 83 -21.01 -15.25 20.03
N GLU A 84 -21.47 -15.51 21.25
CA GLU A 84 -20.68 -16.34 22.16
C GLU A 84 -20.65 -17.78 21.65
N ALA A 85 -21.79 -18.27 21.16
CA ALA A 85 -21.79 -19.59 20.58
C ALA A 85 -20.95 -19.67 19.31
N TYR A 86 -20.96 -18.59 18.51
CA TYR A 86 -20.22 -18.58 17.27
C TYR A 86 -18.70 -18.53 17.47
N VAL A 87 -18.26 -17.60 18.29
CA VAL A 87 -16.84 -17.37 18.53
C VAL A 87 -16.29 -18.48 19.45
N GLY A 88 -17.17 -19.02 20.28
CA GLY A 88 -16.81 -19.96 21.31
C GLY A 88 -15.89 -21.11 20.98
N GLY A 89 -16.27 -21.95 20.02
CA GLY A 89 -15.48 -23.17 19.77
C GLY A 89 -14.08 -22.91 19.20
N THR A 90 -13.90 -21.71 18.65
CA THR A 90 -12.73 -21.40 17.87
C THR A 90 -11.74 -20.50 18.67
N MET A 91 -11.99 -20.36 19.97
CA MET A 91 -11.12 -19.55 20.81
C MET A 91 -9.72 -20.13 20.88
N VAL A 92 -8.76 -19.26 21.15
CA VAL A 92 -7.42 -19.65 21.42
C VAL A 92 -7.47 -20.49 22.68
N ARG A 93 -6.85 -21.65 22.65
CA ARG A 93 -6.87 -22.48 23.86
C ARG A 93 -6.13 -21.83 24.99
N SER A 94 -6.55 -22.17 26.20
CA SER A 94 -5.85 -21.69 27.37
C SER A 94 -4.37 -22.00 27.25
N GLY A 95 -3.54 -20.98 27.46
CA GLY A 95 -2.13 -21.13 27.45
C GLY A 95 -1.47 -21.08 26.10
N GLN A 96 -2.26 -21.04 25.02
CA GLN A 96 -1.73 -21.10 23.66
C GLN A 96 -1.62 -19.71 23.01
N ASP A 97 -0.95 -19.65 21.85
CA ASP A 97 -0.43 -18.38 21.33
C ASP A 97 -1.57 -17.56 20.76
N PRO A 98 -1.76 -16.35 21.27
CA PRO A 98 -2.87 -15.53 20.71
C PRO A 98 -2.68 -15.07 19.27
N TYR A 99 -1.46 -15.15 18.73
CA TYR A 99 -1.12 -14.55 17.45
C TYR A 99 -0.97 -15.56 16.31
N ALA A 100 -0.85 -16.85 16.65
CA ALA A 100 -0.43 -17.84 15.71
C ALA A 100 -1.27 -17.91 14.44
N ARG A 101 -2.59 -17.94 14.60
CA ARG A 101 -3.47 -18.28 13.50
C ARG A 101 -3.68 -17.05 12.62
N ASN A 102 -3.73 -15.87 13.22
CA ASN A 102 -4.13 -14.68 12.48
C ASN A 102 -3.11 -13.58 12.34
N LYS A 103 -1.99 -13.69 13.07
CA LYS A 103 -0.98 -12.66 13.08
C LYS A 103 -1.57 -11.32 13.59
N PHE A 104 -2.61 -11.45 14.42
CA PHE A 104 -3.07 -10.41 15.31
C PHE A 104 -3.56 -11.11 16.58
N ASN A 105 -3.77 -10.35 17.62
CA ASN A 105 -4.10 -10.97 18.93
C ASN A 105 -5.57 -11.39 18.95
N GLN A 106 -5.81 -12.68 18.76
CA GLN A 106 -7.18 -13.17 18.71
C GLN A 106 -7.85 -13.15 20.07
N VAL A 107 -7.07 -13.29 21.14
CA VAL A 107 -7.67 -13.19 22.47
C VAL A 107 -8.34 -11.82 22.65
N GLU A 108 -7.66 -10.75 22.23
CA GLU A 108 -8.18 -9.41 22.35
C GLU A 108 -9.36 -9.20 21.40
N SER A 109 -9.28 -9.78 20.21
CA SER A 109 -10.41 -9.70 19.29
C SER A 109 -11.64 -10.38 19.88
N ASP A 110 -11.42 -11.58 20.43
CA ASP A 110 -12.52 -12.38 20.99
C ASP A 110 -13.19 -11.76 22.24
N LYS A 111 -12.47 -10.93 22.99
CA LYS A 111 -13.02 -10.23 24.16
C LYS A 111 -14.02 -9.15 23.77
N LEU A 112 -13.95 -8.66 22.52
CA LEU A 112 -14.80 -7.55 22.10
C LEU A 112 -16.17 -8.02 21.68
N ARG A 113 -17.20 -7.26 22.04
CA ARG A 113 -18.55 -7.46 21.51
C ARG A 113 -18.59 -7.20 20.00
N MET A 114 -19.48 -7.90 19.30
CA MET A 114 -19.62 -7.74 17.85
C MET A 114 -20.03 -6.32 17.44
N ASP A 115 -20.68 -5.60 18.37
CA ASP A 115 -21.12 -4.23 18.19
C ASP A 115 -20.43 -3.22 19.11
N ARG A 116 -19.17 -3.49 19.43
CA ARG A 116 -18.40 -2.64 20.35
C ARG A 116 -18.39 -1.22 19.88
N ALA A 117 -18.53 -0.28 20.80
CA ALA A 117 -18.38 1.12 20.45
C ALA A 117 -16.97 1.46 20.08
N ILE A 118 -16.87 2.36 19.12
CA ILE A 118 -15.60 2.90 18.67
C ILE A 118 -15.69 4.41 18.61
N PRO A 119 -14.54 5.08 18.75
CA PRO A 119 -14.64 6.56 18.75
C PRO A 119 -14.95 7.10 17.38
N ASP A 120 -15.65 8.22 17.36
CA ASP A 120 -15.94 8.90 16.11
C ASP A 120 -14.72 9.75 15.77
N THR A 121 -13.96 9.31 14.79
CA THR A 121 -12.73 9.94 14.38
C THR A 121 -12.91 10.95 13.27
N ARG A 122 -14.14 11.15 12.83
CA ARG A 122 -14.41 12.12 11.76
C ARG A 122 -14.16 13.53 12.22
N HIS A 123 -13.74 14.36 11.29
CA HIS A 123 -13.72 15.80 11.52
C HIS A 123 -15.08 16.32 11.96
N ASP A 124 -15.10 17.31 12.86
CA ASP A 124 -16.35 17.89 13.32
C ASP A 124 -17.28 18.36 12.18
N GLN A 125 -16.72 18.89 11.10
CA GLN A 125 -17.53 19.34 9.97
C GLN A 125 -18.32 18.21 9.31
N CYS A 126 -17.90 16.96 9.54
CA CYS A 126 -18.61 15.85 8.92
C CYS A 126 -20.03 15.66 9.48
N GLN A 127 -20.27 16.19 10.68
CA GLN A 127 -21.54 16.01 11.37
C GLN A 127 -22.62 16.89 10.84
N ARG A 128 -22.28 17.83 9.98
CA ARG A 128 -23.22 18.83 9.50
C ARG A 128 -23.65 18.48 8.08
N LYS A 129 -23.69 17.19 7.77
CA LYS A 129 -24.09 16.76 6.43
C LYS A 129 -25.33 15.91 6.54
N GLN A 130 -26.19 16.10 5.55
CA GLN A 130 -27.40 15.40 5.37
C GLN A 130 -27.43 14.74 4.00
N TRP A 131 -27.99 13.55 3.86
CA TRP A 131 -28.03 12.86 2.57
C TRP A 131 -29.42 12.55 2.08
N ARG A 132 -29.57 12.51 0.75
CA ARG A 132 -30.82 12.10 0.17
C ARG A 132 -31.11 10.65 0.50
N VAL A 133 -32.40 10.33 0.63
CA VAL A 133 -32.75 8.97 0.93
CA VAL A 133 -32.84 8.97 0.87
C VAL A 133 -32.56 8.07 -0.31
N ASP A 134 -32.56 8.64 -1.51
CA ASP A 134 -32.44 7.86 -2.76
C ASP A 134 -31.00 7.63 -3.25
N LEU A 135 -30.01 7.65 -2.34
CA LEU A 135 -28.68 7.19 -2.71
C LEU A 135 -28.80 5.74 -3.18
N PRO A 136 -27.97 5.34 -4.17
CA PRO A 136 -28.00 3.95 -4.62
C PRO A 136 -27.56 2.95 -3.54
N ALA A 137 -28.29 1.87 -3.38
CA ALA A 137 -27.85 0.81 -2.45
C ALA A 137 -26.60 0.12 -2.99
N THR A 138 -25.90 -0.54 -2.07
CA THR A 138 -24.67 -1.26 -2.41
C THR A 138 -24.74 -2.71 -2.02
N SER A 139 -24.02 -3.51 -2.79
CA SER A 139 -23.70 -4.87 -2.40
C SER A 139 -22.30 -4.87 -1.80
N VAL A 140 -22.19 -5.29 -0.54
CA VAL A 140 -20.90 -5.32 0.16
C VAL A 140 -20.29 -6.66 -0.01
N VAL A 141 -19.11 -6.71 -0.60
CA VAL A 141 -18.41 -7.98 -0.88
C VAL A 141 -17.21 -8.03 0.07
N ILE A 142 -17.19 -9.07 0.91
CA ILE A 142 -16.10 -9.32 1.84
C ILE A 142 -15.61 -10.73 1.54
N THR A 143 -14.36 -10.82 1.12
CA THR A 143 -13.73 -12.15 0.90
C THR A 143 -12.90 -12.44 2.13
N PHE A 144 -12.73 -13.73 2.41
CA PHE A 144 -11.90 -14.09 3.53
C PHE A 144 -11.31 -15.48 3.37
N HIS A 145 -10.15 -15.68 3.95
CA HIS A 145 -9.52 -17.01 4.04
C HIS A 145 -9.00 -17.21 5.47
N ASN A 146 -9.69 -18.05 6.26
CA ASN A 146 -9.30 -18.32 7.65
C ASN A 146 -9.20 -17.05 8.48
N GLU A 147 -10.29 -16.31 8.48
CA GLU A 147 -10.42 -15.14 9.32
C GLU A 147 -10.78 -15.56 10.74
N ALA A 148 -10.39 -14.78 11.75
CA ALA A 148 -10.89 -15.02 13.08
C ALA A 148 -12.38 -14.77 13.12
N ARG A 149 -13.15 -15.72 13.65
CA ARG A 149 -14.59 -15.54 13.73
C ARG A 149 -15.01 -14.21 14.37
N SER A 150 -14.37 -13.82 15.46
CA SER A 150 -14.81 -12.62 16.11
C SER A 150 -14.61 -11.40 15.18
N ALA A 151 -13.48 -11.37 14.45
CA ALA A 151 -13.16 -10.26 13.54
C ALA A 151 -14.11 -10.24 12.31
N LEU A 152 -14.39 -11.40 11.76
CA LEU A 152 -15.31 -11.49 10.64
C LEU A 152 -16.72 -11.05 11.04
N LEU A 153 -17.25 -11.58 12.13
CA LEU A 153 -18.55 -11.18 12.63
C LEU A 153 -18.61 -9.68 12.93
N ARG A 154 -17.58 -9.14 13.55
CA ARG A 154 -17.60 -7.72 13.91
C ARG A 154 -17.59 -6.86 12.64
N THR A 155 -16.91 -7.32 11.57
CA THR A 155 -16.92 -6.56 10.29
C THR A 155 -18.37 -6.49 9.77
N VAL A 156 -19.01 -7.65 9.69
CA VAL A 156 -20.40 -7.77 9.23
C VAL A 156 -21.37 -6.91 10.07
N VAL A 157 -21.26 -7.01 11.39
CA VAL A 157 -22.13 -6.25 12.28
C VAL A 157 -21.83 -4.78 12.16
N SER A 158 -20.57 -4.37 12.03
CA SER A 158 -20.32 -2.94 11.87
C SER A 158 -21.00 -2.38 10.62
N VAL A 159 -20.99 -3.15 9.53
CA VAL A 159 -21.69 -2.73 8.28
C VAL A 159 -23.19 -2.63 8.58
N LEU A 160 -23.75 -3.65 9.20
CA LEU A 160 -25.20 -3.67 9.43
C LEU A 160 -25.64 -2.59 10.42
N LYS A 161 -24.83 -2.33 11.44
CA LYS A 161 -25.19 -1.41 12.49
C LYS A 161 -25.02 0.02 12.01
N LYS A 162 -23.91 0.33 11.33
CA LYS A 162 -23.59 1.71 11.01
C LYS A 162 -24.13 2.23 9.64
N SER A 163 -24.64 1.34 8.79
CA SER A 163 -25.17 1.72 7.46
C SER A 163 -26.70 1.79 7.51
N PRO A 164 -27.30 2.87 6.96
CA PRO A 164 -28.75 2.81 6.77
C PRO A 164 -29.14 1.50 6.05
N PRO A 165 -30.05 0.71 6.64
CA PRO A 165 -30.33 -0.60 6.04
C PRO A 165 -30.77 -0.57 4.61
N HIS A 166 -31.53 0.47 4.17
CA HIS A 166 -31.94 0.52 2.76
C HIS A 166 -30.77 0.63 1.78
N LEU A 167 -29.60 1.08 2.27
CA LEU A 167 -28.43 1.18 1.45
C LEU A 167 -27.60 -0.08 1.39
N ILE A 168 -27.92 -1.07 2.21
CA ILE A 168 -27.27 -2.37 2.18
C ILE A 168 -28.21 -3.33 1.47
N LYS A 169 -27.96 -3.55 0.18
CA LYS A 169 -28.76 -4.51 -0.56
C LYS A 169 -28.53 -5.91 -0.02
N GLU A 170 -27.26 -6.20 0.29
CA GLU A 170 -26.81 -7.51 0.70
C GLU A 170 -25.38 -7.38 1.14
N ILE A 171 -24.95 -8.31 1.98
CA ILE A 171 -23.52 -8.51 2.25
C ILE A 171 -23.18 -9.87 1.67
N ILE A 172 -22.26 -9.92 0.72
CA ILE A 172 -21.83 -11.19 0.12
C ILE A 172 -20.51 -11.53 0.75
N LEU A 173 -20.50 -12.60 1.54
CA LEU A 173 -19.27 -13.16 2.06
C LEU A 173 -18.75 -14.20 1.10
N VAL A 174 -17.56 -13.97 0.58
CA VAL A 174 -16.89 -14.96 -0.28
C VAL A 174 -15.82 -15.69 0.55
N ASP A 175 -16.20 -16.91 0.96
CA ASP A 175 -15.32 -17.77 1.70
C ASP A 175 -14.31 -18.39 0.75
N ASP A 176 -13.08 -17.90 0.80
CA ASP A 176 -12.02 -18.32 -0.10
C ASP A 176 -11.32 -19.56 0.45
N TYR A 177 -12.09 -20.63 0.47
CA TYR A 177 -11.63 -21.97 0.87
C TYR A 177 -10.96 -21.97 2.24
N SER A 178 -11.69 -21.42 3.21
CA SER A 178 -11.26 -21.50 4.58
C SER A 178 -11.27 -22.95 5.03
N ASN A 179 -10.46 -23.24 6.00
CA ASN A 179 -10.39 -24.62 6.53
C ASN A 179 -11.75 -25.11 7.02
N ASP A 180 -12.44 -24.26 7.78
CA ASP A 180 -13.75 -24.59 8.32
C ASP A 180 -14.85 -23.81 7.62
N PRO A 181 -15.67 -24.49 6.82
CA PRO A 181 -16.75 -23.84 6.11
C PRO A 181 -17.81 -23.23 7.00
N GLU A 182 -17.92 -23.70 8.24
CA GLU A 182 -18.85 -23.14 9.18
C GLU A 182 -18.52 -21.69 9.55
N ASP A 183 -17.28 -21.23 9.38
CA ASP A 183 -16.97 -19.83 9.73
C ASP A 183 -17.92 -18.90 8.95
N GLY A 184 -18.04 -19.16 7.66
CA GLY A 184 -18.97 -18.42 6.82
C GLY A 184 -20.40 -18.89 6.92
N ALA A 185 -20.62 -20.21 6.87
CA ALA A 185 -21.96 -20.76 6.78
C ALA A 185 -22.86 -20.30 7.95
N LEU A 186 -22.30 -20.26 9.15
CA LEU A 186 -23.08 -19.85 10.32
C LEU A 186 -23.51 -18.39 10.25
N LEU A 187 -22.74 -17.54 9.57
CA LEU A 187 -23.12 -16.11 9.42
C LEU A 187 -24.22 -15.92 8.37
N GLY A 188 -24.39 -16.90 7.48
CA GLY A 188 -25.47 -16.84 6.51
C GLY A 188 -26.87 -16.77 7.10
N LYS A 189 -27.02 -17.14 8.37
CA LYS A 189 -28.30 -17.01 9.05
C LYS A 189 -28.67 -15.56 9.39
N ILE A 190 -27.71 -14.65 9.30
CA ILE A 190 -27.97 -13.25 9.60
C ILE A 190 -28.64 -12.54 8.41
N GLU A 191 -29.61 -11.70 8.74
CA GLU A 191 -30.29 -10.79 7.82
C GLU A 191 -29.28 -10.16 6.89
N LYS A 192 -29.57 -10.24 5.59
CA LYS A 192 -28.76 -9.61 4.52
C LYS A 192 -27.53 -10.41 4.06
N VAL A 193 -27.10 -11.38 4.86
CA VAL A 193 -25.78 -11.99 4.60
C VAL A 193 -25.98 -13.19 3.73
N ARG A 194 -25.31 -13.22 2.59
CA ARG A 194 -25.26 -14.42 1.79
C ARG A 194 -23.85 -14.90 1.59
N VAL A 195 -23.68 -16.21 1.58
CA VAL A 195 -22.37 -16.77 1.62
C VAL A 195 -22.10 -17.58 0.35
N LEU A 196 -20.95 -17.30 -0.26
CA LEU A 196 -20.46 -18.05 -1.42
C LEU A 196 -19.16 -18.70 -1.02
N ARG A 197 -19.03 -20.01 -1.18
CA ARG A 197 -17.80 -20.63 -0.80
C ARG A 197 -17.07 -21.16 -2.02
N ASN A 198 -15.81 -20.78 -2.14
CA ASN A 198 -14.94 -21.28 -3.23
C ASN A 198 -14.58 -22.71 -2.89
N ASP A 199 -14.63 -23.57 -3.91
CA ASP A 199 -14.20 -24.94 -3.71
C ASP A 199 -12.71 -25.18 -3.67
N ARG A 200 -11.89 -24.15 -3.91
CA ARG A 200 -10.47 -24.21 -3.80
C ARG A 200 -9.99 -22.78 -3.59
N ARG A 201 -8.73 -22.63 -3.24
CA ARG A 201 -8.19 -21.30 -2.96
C ARG A 201 -8.19 -20.53 -4.26
N GLU A 202 -8.80 -19.34 -4.28
CA GLU A 202 -8.86 -18.54 -5.49
C GLU A 202 -8.11 -17.24 -5.35
N GLY A 203 -7.90 -16.75 -4.13
CA GLY A 203 -7.21 -15.49 -3.97
C GLY A 203 -8.21 -14.35 -3.91
N LEU A 204 -7.75 -13.20 -3.45
CA LEU A 204 -8.68 -12.09 -3.25
C LEU A 204 -9.20 -11.51 -4.56
N MET A 205 -8.41 -11.52 -5.65
CA MET A 205 -8.88 -10.91 -6.91
C MET A 205 -10.02 -11.71 -7.51
N ARG A 206 -9.80 -13.02 -7.68
CA ARG A 206 -10.85 -13.84 -8.20
C ARG A 206 -12.05 -14.00 -7.28
N SER A 207 -11.81 -13.97 -5.98
CA SER A 207 -12.92 -13.98 -5.02
C SER A 207 -13.77 -12.72 -5.11
N ARG A 208 -13.10 -11.58 -5.24
CA ARG A 208 -13.84 -10.32 -5.37
C ARG A 208 -14.65 -10.33 -6.66
N VAL A 209 -14.06 -10.83 -7.74
CA VAL A 209 -14.85 -10.93 -8.99
C VAL A 209 -16.08 -11.83 -8.82
N ARG A 210 -15.95 -12.97 -8.15
CA ARG A 210 -17.10 -13.83 -7.93
C ARG A 210 -18.21 -13.09 -7.17
N GLY A 211 -17.82 -12.36 -6.13
CA GLY A 211 -18.80 -11.61 -5.37
C GLY A 211 -19.46 -10.51 -6.17
N ALA A 212 -18.66 -9.78 -6.93
CA ALA A 212 -19.16 -8.69 -7.77
C ALA A 212 -20.10 -9.22 -8.86
N ASP A 213 -19.73 -10.35 -9.46
CA ASP A 213 -20.63 -11.00 -10.42
C ASP A 213 -22.01 -11.41 -9.84
N ALA A 214 -22.04 -11.79 -8.57
CA ALA A 214 -23.25 -12.18 -7.87
C ALA A 214 -24.04 -11.01 -7.37
N ALA A 215 -23.45 -9.83 -7.35
CA ALA A 215 -24.08 -8.65 -6.73
C ALA A 215 -25.33 -8.18 -7.47
N GLN A 216 -26.37 -7.89 -6.69
CA GLN A 216 -27.62 -7.38 -7.25
C GLN A 216 -27.68 -5.88 -7.34
N ALA A 217 -26.91 -5.18 -6.50
CA ALA A 217 -27.01 -3.73 -6.45
C ALA A 217 -26.28 -3.05 -7.60
N LYS A 218 -26.46 -1.74 -7.71
CA LYS A 218 -25.82 -0.98 -8.75
C LYS A 218 -24.41 -0.48 -8.37
N VAL A 219 -24.08 -0.60 -7.10
CA VAL A 219 -22.80 -0.10 -6.59
C VAL A 219 -22.19 -1.23 -5.76
N LEU A 220 -20.88 -1.43 -5.95
CA LEU A 220 -20.10 -2.39 -5.16
C LEU A 220 -19.32 -1.72 -4.03
N THR A 221 -19.26 -2.39 -2.87
CA THR A 221 -18.38 -2.01 -1.79
C THR A 221 -17.54 -3.20 -1.41
N PHE A 222 -16.21 -3.02 -1.40
CA PHE A 222 -15.29 -4.07 -1.01
C PHE A 222 -14.67 -3.70 0.34
N LEU A 223 -14.72 -4.63 1.31
CA LEU A 223 -14.08 -4.46 2.58
C LEU A 223 -13.29 -5.73 2.94
N ASP A 224 -12.18 -5.56 3.65
CA ASP A 224 -11.49 -6.70 4.26
C ASP A 224 -12.31 -7.27 5.38
N SER A 225 -11.95 -8.47 5.82
CA SER A 225 -12.76 -9.22 6.78
C SER A 225 -12.35 -8.92 8.26
N HIS A 226 -11.55 -7.89 8.47
CA HIS A 226 -11.18 -7.42 9.82
C HIS A 226 -11.20 -5.88 9.85
N CYS A 227 -12.39 -5.34 9.58
CA CYS A 227 -12.65 -3.90 9.49
C CYS A 227 -13.77 -3.57 10.46
N GLU A 228 -13.82 -2.30 10.85
CA GLU A 228 -14.95 -1.80 11.63
C GLU A 228 -15.35 -0.46 11.06
N CYS A 229 -16.54 -0.44 10.47
CA CYS A 229 -17.09 0.80 9.88
C CYS A 229 -17.49 1.78 10.97
N ASN A 230 -17.24 3.05 10.73
CA ASN A 230 -17.61 4.12 11.66
C ASN A 230 -18.90 4.86 11.28
N GLU A 231 -19.22 5.86 12.11
CA GLU A 231 -20.46 6.62 12.05
C GLU A 231 -20.63 7.26 10.66
N HIS A 232 -21.75 6.98 10.02
CA HIS A 232 -22.02 7.50 8.67
C HIS A 232 -20.87 7.32 7.69
N TRP A 233 -20.27 6.14 7.71
CA TRP A 233 -19.19 5.84 6.81
C TRP A 233 -19.66 5.70 5.35
N LEU A 234 -20.91 5.25 5.10
CA LEU A 234 -21.26 4.75 3.78
C LEU A 234 -21.77 5.89 2.89
N GLU A 235 -22.63 6.73 3.43
CA GLU A 235 -23.29 7.77 2.63
C GLU A 235 -22.33 8.68 1.88
N PRO A 236 -21.23 9.12 2.53
CA PRO A 236 -20.30 9.95 1.80
C PRO A 236 -19.68 9.28 0.60
N LEU A 237 -19.44 7.98 0.67
CA LEU A 237 -18.89 7.25 -0.46
C LEU A 237 -19.94 7.13 -1.59
N LEU A 238 -21.16 6.75 -1.24
CA LEU A 238 -22.21 6.57 -2.24
C LEU A 238 -22.55 7.88 -2.91
N GLU A 239 -22.50 8.96 -2.14
CA GLU A 239 -22.82 10.27 -2.71
C GLU A 239 -21.86 10.62 -3.85
N ARG A 240 -20.58 10.28 -3.70
CA ARG A 240 -19.59 10.60 -4.75
C ARG A 240 -19.87 9.81 -6.00
N VAL A 241 -20.11 8.52 -5.83
CA VAL A 241 -20.22 7.63 -6.97
C VAL A 241 -21.55 7.88 -7.69
N ALA A 242 -22.60 8.20 -6.94
CA ALA A 242 -23.92 8.50 -7.55
C ALA A 242 -23.80 9.71 -8.45
N GLU A 243 -23.00 10.68 -8.07
CA GLU A 243 -22.83 11.92 -8.84
C GLU A 243 -21.97 11.67 -10.10
N ASP A 244 -20.96 10.80 -10.00
CA ASP A 244 -20.08 10.52 -11.17
C ASP A 244 -19.59 9.10 -11.02
N ARG A 245 -20.12 8.22 -11.87
CA ARG A 245 -19.83 6.80 -11.83
C ARG A 245 -18.37 6.46 -12.10
N THR A 246 -17.57 7.42 -12.53
CA THR A 246 -16.18 7.12 -12.85
C THR A 246 -15.26 7.37 -11.65
N ARG A 247 -15.83 7.81 -10.52
CA ARG A 247 -15.06 7.96 -9.28
C ARG A 247 -15.02 6.65 -8.50
N VAL A 248 -13.83 6.25 -8.09
CA VAL A 248 -13.64 5.07 -7.28
C VAL A 248 -13.13 5.60 -5.95
N VAL A 249 -13.88 5.34 -4.90
CA VAL A 249 -13.73 6.09 -3.66
C VAL A 249 -13.47 5.20 -2.47
N SER A 250 -12.64 5.72 -1.56
CA SER A 250 -12.23 5.01 -0.35
CA SER A 250 -12.26 5.00 -0.36
C SER A 250 -12.40 5.85 0.90
N PRO A 251 -12.66 5.21 2.06
CA PRO A 251 -12.62 5.93 3.33
C PRO A 251 -11.18 6.29 3.68
N ILE A 252 -11.05 7.17 4.65
CA ILE A 252 -9.82 7.24 5.41
C ILE A 252 -9.82 5.95 6.24
N ILE A 253 -8.68 5.24 6.19
CA ILE A 253 -8.53 3.97 6.90
C ILE A 253 -7.95 4.26 8.27
N ASP A 254 -8.74 3.97 9.29
CA ASP A 254 -8.30 4.09 10.69
C ASP A 254 -7.64 2.77 11.10
N VAL A 255 -6.92 2.82 12.20
CA VAL A 255 -6.09 1.67 12.64
C VAL A 255 -6.75 0.92 13.80
N ILE A 256 -6.96 -0.37 13.63
CA ILE A 256 -7.33 -1.22 14.77
C ILE A 256 -6.03 -1.91 15.19
N ASN A 257 -5.50 -1.60 16.37
CA ASN A 257 -4.21 -2.12 16.77
C ASN A 257 -4.18 -3.64 16.82
N MET A 258 -3.17 -4.28 16.23
CA MET A 258 -3.17 -5.73 16.10
C MET A 258 -2.85 -6.41 17.45
N ASP A 259 -2.40 -5.63 18.42
CA ASP A 259 -2.07 -6.18 19.73
C ASP A 259 -3.17 -6.02 20.75
N ASN A 260 -3.75 -4.84 20.87
CA ASN A 260 -4.76 -4.58 21.88
C ASN A 260 -6.14 -4.18 21.33
N PHE A 261 -6.25 -4.09 20.01
CA PHE A 261 -7.52 -3.83 19.32
C PHE A 261 -8.15 -2.48 19.61
N GLN A 262 -7.35 -1.56 20.12
CA GLN A 262 -7.80 -0.22 20.22
C GLN A 262 -8.03 0.34 18.81
N TYR A 263 -9.07 1.15 18.67
CA TYR A 263 -9.35 1.87 17.41
C TYR A 263 -8.86 3.28 17.50
N VAL A 264 -7.94 3.65 16.59
CA VAL A 264 -7.38 4.99 16.58
C VAL A 264 -7.24 5.55 15.17
N GLY A 265 -7.22 6.88 15.06
CA GLY A 265 -6.98 7.53 13.79
C GLY A 265 -5.51 7.78 13.53
N ALA A 266 -5.11 7.71 12.28
CA ALA A 266 -3.77 8.04 11.87
C ALA A 266 -3.75 9.48 11.35
N SER A 267 -2.64 9.93 10.79
CA SER A 267 -2.59 11.29 10.24
C SER A 267 -3.37 11.36 8.94
N ALA A 268 -4.27 12.35 8.74
CA ALA A 268 -4.96 12.48 7.43
C ALA A 268 -4.09 13.23 6.38
N ASP A 269 -2.84 13.52 6.72
CA ASP A 269 -1.86 14.04 5.77
C ASP A 269 -1.11 12.94 5.00
N LEU A 270 -1.54 11.69 5.15
CA LEU A 270 -0.94 10.54 4.47
C LEU A 270 -1.88 10.05 3.39
N LYS A 271 -1.34 9.66 2.23
CA LYS A 271 -2.16 9.04 1.18
C LYS A 271 -1.37 7.96 0.49
N GLY A 272 -2.03 7.17 -0.34
CA GLY A 272 -1.36 6.03 -0.93
C GLY A 272 -0.37 6.40 -1.99
N GLY A 273 0.67 5.59 -2.15
CA GLY A 273 1.75 5.85 -3.09
C GLY A 273 2.52 4.57 -3.29
N PHE A 274 3.66 4.67 -3.98
CA PHE A 274 4.53 3.52 -4.21
C PHE A 274 5.86 4.01 -4.72
N ASP A 275 6.86 3.15 -4.53
CA ASP A 275 8.19 3.32 -5.12
C ASP A 275 8.29 2.46 -6.38
N TRP A 276 9.40 2.55 -7.09
CA TRP A 276 9.53 1.84 -8.37
C TRP A 276 9.55 0.32 -8.23
N ASN A 277 9.73 -0.22 -7.03
CA ASN A 277 9.54 -1.66 -6.80
C ASN A 277 8.06 -2.08 -6.78
N LEU A 278 7.17 -1.08 -6.88
CA LEU A 278 5.73 -1.24 -7.00
C LEU A 278 5.11 -1.82 -5.71
N VAL A 279 5.77 -1.56 -4.58
CA VAL A 279 5.25 -1.89 -3.27
C VAL A 279 4.55 -0.63 -2.72
N PHE A 280 3.32 -0.83 -2.29
CA PHE A 280 2.48 0.24 -1.73
C PHE A 280 3.20 0.82 -0.53
N LYS A 281 3.14 2.15 -0.40
CA LYS A 281 3.56 2.81 0.81
C LYS A 281 2.65 4.01 1.04
N TRP A 282 2.70 4.55 2.24
CA TRP A 282 2.02 5.81 2.52
C TRP A 282 2.91 6.98 2.25
N ASP A 283 2.42 7.92 1.47
CA ASP A 283 3.13 9.15 1.19
C ASP A 283 2.68 10.24 2.14
N TYR A 284 3.62 11.04 2.58
CA TYR A 284 3.28 12.25 3.34
C TYR A 284 3.01 13.37 2.36
N MET A 285 1.85 14.01 2.50
CA MET A 285 1.49 15.13 1.63
C MET A 285 2.54 16.25 1.62
N THR A 286 2.62 16.91 0.46
CA THR A 286 3.50 18.09 0.33
C THR A 286 2.96 19.25 1.18
N PRO A 287 3.78 20.28 1.47
CA PRO A 287 3.25 21.41 2.23
C PRO A 287 2.02 22.03 1.57
N GLU A 288 1.99 22.11 0.25
CA GLU A 288 0.83 22.71 -0.42
C GLU A 288 -0.39 21.83 -0.33
N GLN A 289 -0.20 20.53 -0.49
CA GLN A 289 -1.30 19.58 -0.28
C GLN A 289 -1.84 19.60 1.15
N ARG A 290 -0.95 19.73 2.14
CA ARG A 290 -1.36 19.84 3.51
C ARG A 290 -2.12 21.10 3.82
N ARG A 291 -1.70 22.19 3.18
CA ARG A 291 -2.37 23.48 3.40
C ARG A 291 -3.76 23.43 2.76
N SER A 292 -3.85 22.85 1.57
CA SER A 292 -5.13 22.62 0.90
CA SER A 292 -5.13 22.62 0.90
C SER A 292 -6.06 21.78 1.75
N ARG A 293 -5.50 20.74 2.36
CA ARG A 293 -6.31 19.89 3.22
C ARG A 293 -6.86 20.65 4.42
N GLN A 294 -6.05 21.50 5.05
CA GLN A 294 -6.56 22.33 6.15
C GLN A 294 -7.61 23.30 5.59
N GLY A 295 -7.45 23.70 4.33
CA GLY A 295 -8.46 24.54 3.63
C GLY A 295 -9.86 23.99 3.57
N ASN A 296 -9.98 22.67 3.39
CA ASN A 296 -11.26 22.02 3.54
C ASN A 296 -10.99 20.58 3.97
N PRO A 297 -11.02 20.35 5.28
CA PRO A 297 -10.70 18.99 5.76
C PRO A 297 -11.74 17.93 5.44
N VAL A 298 -12.87 18.30 4.85
CA VAL A 298 -13.83 17.30 4.42
C VAL A 298 -13.83 17.11 2.90
N ALA A 299 -13.01 17.86 2.16
CA ALA A 299 -13.01 17.69 0.70
C ALA A 299 -12.45 16.33 0.32
N PRO A 300 -13.00 15.72 -0.73
CA PRO A 300 -12.39 14.52 -1.30
C PRO A 300 -10.95 14.79 -1.70
N ILE A 301 -10.09 13.82 -1.44
CA ILE A 301 -8.66 13.91 -1.70
C ILE A 301 -8.32 12.99 -2.88
N LYS A 302 -7.77 13.54 -3.97
CA LYS A 302 -7.36 12.70 -5.10
C LYS A 302 -6.12 11.94 -4.65
N THR A 303 -6.04 10.66 -5.03
CA THR A 303 -4.90 9.85 -4.67
C THR A 303 -4.43 9.02 -5.87
N PRO A 304 -3.13 8.83 -5.99
CA PRO A 304 -2.63 8.05 -7.12
C PRO A 304 -2.79 6.55 -7.02
N MET A 305 -3.06 6.03 -5.81
CA MET A 305 -2.97 4.59 -5.54
C MET A 305 -3.89 4.27 -4.38
N ILE A 306 -4.85 3.37 -4.61
CA ILE A 306 -5.80 2.94 -3.58
C ILE A 306 -5.02 2.25 -2.52
N ALA A 307 -5.34 2.60 -1.27
CA ALA A 307 -4.70 2.04 -0.09
C ALA A 307 -5.52 0.80 0.21
N GLY A 308 -5.05 -0.36 -0.26
CA GLY A 308 -5.99 -1.44 -0.57
C GLY A 308 -6.72 -1.91 0.69
N GLY A 309 -7.77 -2.71 0.54
CA GLY A 309 -8.56 -2.81 -0.68
C GLY A 309 -9.99 -2.43 -0.24
N LEU A 310 -10.12 -1.31 0.46
CA LEU A 310 -11.41 -0.85 0.96
C LEU A 310 -11.88 0.26 0.02
N PHE A 311 -12.88 -0.03 -0.81
CA PHE A 311 -13.32 0.97 -1.80
C PHE A 311 -14.70 0.68 -2.33
N VAL A 312 -15.28 1.72 -2.93
CA VAL A 312 -16.63 1.73 -3.45
C VAL A 312 -16.53 2.10 -4.93
N MET A 313 -17.26 1.34 -5.77
CA MET A 313 -17.22 1.52 -7.20
C MET A 313 -18.56 1.16 -7.82
N ASP A 314 -19.01 2.00 -8.75
CA ASP A 314 -20.20 1.68 -9.55
C ASP A 314 -20.03 0.32 -10.22
N LYS A 315 -21.00 -0.56 -10.08
CA LYS A 315 -20.86 -1.94 -10.57
C LYS A 315 -20.64 -1.98 -12.07
N PHE A 316 -21.45 -1.20 -12.79
CA PHE A 316 -21.26 -1.18 -14.25
C PHE A 316 -19.94 -0.62 -14.70
N TYR A 317 -19.40 0.36 -13.99
CA TYR A 317 -18.08 0.87 -14.30
C TYR A 317 -17.02 -0.19 -13.98
N PHE A 318 -17.16 -0.88 -12.84
CA PHE A 318 -16.27 -1.98 -12.48
C PHE A 318 -16.20 -2.98 -13.64
N GLU A 319 -17.37 -3.36 -14.16
CA GLU A 319 -17.46 -4.33 -15.26
C GLU A 319 -16.88 -3.78 -16.56
N GLU A 320 -17.31 -2.59 -16.94
CA GLU A 320 -16.82 -1.93 -18.16
CA GLU A 320 -16.82 -1.88 -18.15
C GLU A 320 -15.30 -1.80 -18.18
N LEU A 321 -14.70 -1.44 -17.05
CA LEU A 321 -13.26 -1.26 -17.02
C LEU A 321 -12.45 -2.55 -16.94
N GLY A 322 -13.11 -3.69 -16.77
CA GLY A 322 -12.43 -5.01 -16.80
C GLY A 322 -12.21 -5.64 -15.43
N LYS A 323 -13.07 -5.30 -14.47
CA LYS A 323 -13.15 -6.03 -13.20
C LYS A 323 -11.78 -6.06 -12.50
N TYR A 324 -11.23 -7.26 -12.25
CA TYR A 324 -9.85 -7.46 -11.93
C TYR A 324 -9.26 -8.41 -12.97
N ASP A 325 -7.93 -8.35 -13.10
CA ASP A 325 -7.19 -9.34 -13.91
C ASP A 325 -7.28 -10.71 -13.21
N MET A 326 -8.00 -11.65 -13.82
CA MET A 326 -8.33 -12.92 -13.18
C MET A 326 -7.10 -13.83 -13.01
N MET A 327 -6.02 -13.52 -13.69
CA MET A 327 -4.77 -14.27 -13.53
C MET A 327 -3.88 -13.82 -12.38
N MET A 328 -4.30 -12.80 -11.63
CA MET A 328 -3.60 -12.45 -10.44
C MET A 328 -4.02 -13.41 -9.28
N ASP A 329 -3.03 -13.87 -8.50
CA ASP A 329 -3.27 -14.82 -7.38
C ASP A 329 -3.11 -14.23 -5.98
N VAL A 330 -3.88 -14.80 -5.02
CA VAL A 330 -3.77 -14.54 -3.58
C VAL A 330 -3.94 -13.09 -3.12
N TRP A 331 -2.89 -12.29 -3.29
CA TRP A 331 -2.78 -10.95 -2.69
C TRP A 331 -1.68 -10.25 -3.44
N GLY A 332 -1.76 -8.92 -3.56
CA GLY A 332 -0.67 -8.12 -4.05
C GLY A 332 -0.75 -7.81 -5.52
N GLY A 333 -0.55 -6.54 -5.85
CA GLY A 333 -0.52 -6.09 -7.23
C GLY A 333 -1.84 -5.55 -7.76
N GLU A 334 -2.94 -5.97 -7.18
CA GLU A 334 -4.23 -5.65 -7.79
C GLU A 334 -4.62 -4.23 -7.52
N ASN A 335 -4.18 -3.71 -6.39
CA ASN A 335 -4.37 -2.29 -6.09
C ASN A 335 -3.61 -1.43 -7.08
N LEU A 336 -2.39 -1.82 -7.39
CA LEU A 336 -1.59 -1.12 -8.39
C LEU A 336 -2.31 -1.16 -9.73
N GLU A 337 -2.70 -2.36 -10.17
CA GLU A 337 -3.31 -2.53 -11.48
C GLU A 337 -4.61 -1.73 -11.62
N ILE A 338 -5.49 -1.82 -10.64
CA ILE A 338 -6.78 -1.10 -10.78
C ILE A 338 -6.57 0.42 -10.70
N SER A 339 -5.60 0.88 -9.93
CA SER A 339 -5.37 2.30 -9.78
C SER A 339 -4.82 2.85 -11.08
N PHE A 340 -3.91 2.12 -11.72
CA PHE A 340 -3.36 2.60 -13.01
C PHE A 340 -4.48 2.60 -14.05
N ARG A 341 -5.27 1.53 -14.04
CA ARG A 341 -6.33 1.37 -15.05
C ARG A 341 -7.41 2.46 -14.91
N VAL A 342 -7.85 2.71 -13.67
CA VAL A 342 -8.85 3.72 -13.44
C VAL A 342 -8.35 5.09 -13.90
N TRP A 343 -7.14 5.46 -13.50
CA TRP A 343 -6.67 6.80 -13.85
C TRP A 343 -6.36 6.90 -15.34
N GLN A 344 -5.64 5.91 -15.90
CA GLN A 344 -5.23 6.03 -17.31
C GLN A 344 -6.47 5.96 -18.21
N CYS A 345 -7.53 5.30 -17.76
CA CYS A 345 -8.66 5.07 -18.63
C CYS A 345 -9.83 6.02 -18.36
N GLY A 346 -9.57 7.11 -17.65
CA GLY A 346 -10.54 8.19 -17.60
C GLY A 346 -11.31 8.44 -16.33
N GLY A 347 -11.12 7.60 -15.32
CA GLY A 347 -11.74 7.81 -14.04
C GLY A 347 -10.81 8.46 -13.03
N SER A 348 -11.17 8.34 -11.76
CA SER A 348 -10.36 8.95 -10.68
C SER A 348 -10.49 8.10 -9.41
N LEU A 349 -9.51 8.26 -8.54
CA LEU A 349 -9.50 7.66 -7.18
C LEU A 349 -9.53 8.77 -6.16
N GLU A 350 -10.37 8.60 -5.13
CA GLU A 350 -10.49 9.58 -4.06
C GLU A 350 -10.47 8.92 -2.69
N ILE A 351 -9.97 9.67 -1.72
CA ILE A 351 -10.09 9.37 -0.31
C ILE A 351 -11.11 10.38 0.22
N ILE A 352 -12.08 9.84 0.95
CA ILE A 352 -13.22 10.63 1.43
C ILE A 352 -13.12 10.80 2.93
N PRO A 353 -12.67 11.99 3.41
CA PRO A 353 -12.36 12.11 4.86
C PRO A 353 -13.50 11.85 5.84
N CYS A 354 -14.73 12.12 5.44
CA CYS A 354 -15.86 11.91 6.32
C CYS A 354 -16.28 10.46 6.42
N SER A 355 -15.70 9.61 5.57
CA SER A 355 -15.87 8.17 5.67
C SER A 355 -14.69 7.55 6.38
N ARG A 356 -14.96 6.83 7.49
CA ARG A 356 -13.92 6.24 8.32
C ARG A 356 -14.22 4.78 8.55
N VAL A 357 -13.24 3.96 8.23
CA VAL A 357 -13.31 2.51 8.47
C VAL A 357 -12.00 2.09 9.11
N GLY A 358 -12.07 1.42 10.25
CA GLY A 358 -10.89 0.86 10.89
C GLY A 358 -10.49 -0.44 10.24
N HIS A 359 -9.19 -0.70 10.24
CA HIS A 359 -8.63 -1.90 9.65
C HIS A 359 -7.52 -2.48 10.51
N VAL A 360 -7.54 -3.80 10.74
CA VAL A 360 -6.45 -4.44 11.48
C VAL A 360 -5.24 -4.60 10.54
N PHE A 361 -4.31 -3.65 10.61
CA PHE A 361 -3.05 -3.77 9.92
C PHE A 361 -2.17 -4.80 10.63
N ARG A 362 -1.53 -5.63 9.86
CA ARG A 362 -0.56 -6.54 10.48
C ARG A 362 0.77 -6.53 9.82
N LYS A 363 1.70 -7.24 10.45
CA LYS A 363 3.09 -7.26 10.00
C LYS A 363 3.44 -8.45 9.16
N GLN A 364 2.64 -9.51 9.23
CA GLN A 364 2.86 -10.70 8.43
C GLN A 364 1.55 -11.23 7.95
N HIS A 365 1.52 -11.82 6.75
CA HIS A 365 0.35 -12.50 6.27
C HIS A 365 0.16 -13.76 7.10
N PRO A 366 -1.06 -14.09 7.46
CA PRO A 366 -1.25 -15.31 8.27
C PRO A 366 -1.47 -16.56 7.48
N TYR A 367 -1.57 -16.43 6.17
CA TYR A 367 -1.92 -17.55 5.33
C TYR A 367 -0.80 -17.79 4.37
N THR A 368 -0.82 -18.96 3.75
CA THR A 368 0.17 -19.30 2.76
C THR A 368 -0.22 -18.77 1.40
N PHE A 369 0.79 -18.58 0.55
CA PHE A 369 0.60 -18.25 -0.87
C PHE A 369 0.95 -19.51 -1.69
N PRO A 370 -0.06 -20.18 -2.29
CA PRO A 370 0.26 -21.28 -3.20
C PRO A 370 1.19 -20.79 -4.30
N GLY A 371 2.33 -21.46 -4.44
CA GLY A 371 3.34 -21.05 -5.40
C GLY A 371 4.49 -20.29 -4.77
N GLY A 372 4.32 -19.76 -3.57
CA GLY A 372 5.37 -18.96 -2.94
C GLY A 372 4.99 -17.48 -2.94
N SER A 373 5.04 -16.82 -1.78
CA SER A 373 4.61 -15.40 -1.68
C SER A 373 5.48 -14.48 -2.55
N GLY A 374 6.76 -14.80 -2.65
CA GLY A 374 7.63 -14.04 -3.50
C GLY A 374 7.31 -14.21 -4.99
N THR A 375 7.04 -15.44 -5.44
CA THR A 375 6.72 -15.67 -6.87
C THR A 375 5.38 -15.02 -7.23
N VAL A 376 4.40 -15.25 -6.37
CA VAL A 376 3.06 -14.69 -6.60
C VAL A 376 3.06 -13.17 -6.71
N PHE A 377 3.71 -12.50 -5.78
CA PHE A 377 3.74 -11.03 -5.80
C PHE A 377 4.44 -10.52 -7.05
N ALA A 378 5.57 -11.15 -7.40
CA ALA A 378 6.26 -10.76 -8.62
C ALA A 378 5.42 -10.96 -9.87
N ARG A 379 4.77 -12.09 -9.97
CA ARG A 379 3.96 -12.41 -11.13
C ARG A 379 2.81 -11.39 -11.26
N ASN A 380 2.09 -11.15 -10.16
CA ASN A 380 0.98 -10.19 -10.22
C ASN A 380 1.48 -8.83 -10.62
N THR A 381 2.58 -8.43 -10.01
CA THR A 381 3.10 -7.10 -10.27
C THR A 381 3.60 -6.96 -11.72
N ARG A 382 4.24 -8.00 -12.25
CA ARG A 382 4.63 -7.97 -13.67
C ARG A 382 3.46 -7.85 -14.62
N ARG A 383 2.35 -8.50 -14.29
CA ARG A 383 1.17 -8.41 -15.13
C ARG A 383 0.67 -7.00 -15.15
N ALA A 384 0.73 -6.29 -14.02
CA ALA A 384 0.34 -4.88 -14.00
C ALA A 384 1.30 -4.00 -14.79
N ALA A 385 2.59 -4.18 -14.55
CA ALA A 385 3.65 -3.40 -15.19
C ALA A 385 3.65 -3.58 -16.73
N GLU A 386 3.56 -4.83 -17.17
CA GLU A 386 3.61 -5.12 -18.60
C GLU A 386 2.41 -4.58 -19.35
N VAL A 387 1.27 -4.44 -18.68
CA VAL A 387 0.09 -3.89 -19.37
C VAL A 387 0.05 -2.38 -19.38
N TRP A 388 0.40 -1.76 -18.25
CA TRP A 388 0.08 -0.36 -18.01
C TRP A 388 1.24 0.62 -18.08
N MET A 389 2.45 0.18 -17.79
CA MET A 389 3.54 1.11 -17.49
C MET A 389 4.36 1.60 -18.68
N ASP A 390 4.14 1.00 -19.85
CA ASP A 390 4.88 1.38 -21.05
C ASP A 390 6.38 1.19 -20.74
N GLU A 391 7.21 2.15 -21.12
CA GLU A 391 8.64 1.95 -20.95
C GLU A 391 9.10 2.15 -19.51
N TYR A 392 8.21 2.69 -18.66
CA TYR A 392 8.51 2.86 -17.26
C TYR A 392 8.61 1.52 -16.53
N LYS A 393 8.13 0.45 -17.14
CA LYS A 393 8.28 -0.88 -16.56
C LYS A 393 9.77 -1.18 -16.32
N ASN A 394 10.64 -0.57 -17.13
CA ASN A 394 12.06 -0.76 -16.93
C ASN A 394 12.62 -0.22 -15.63
N PHE A 395 11.94 0.74 -15.02
CA PHE A 395 12.35 1.21 -13.69
C PHE A 395 11.94 0.20 -12.62
N TYR A 396 10.82 -0.46 -12.82
CA TYR A 396 10.45 -1.58 -11.95
C TYR A 396 11.50 -2.70 -12.01
N TYR A 397 11.90 -3.07 -13.22
CA TYR A 397 12.90 -4.13 -13.36
C TYR A 397 14.25 -3.67 -12.83
N ALA A 398 14.56 -2.38 -12.90
CA ALA A 398 15.77 -1.85 -12.26
C ALA A 398 15.75 -1.99 -10.72
N ALA A 399 14.56 -1.95 -10.12
CA ALA A 399 14.36 -2.06 -8.67
C ALA A 399 14.25 -3.50 -8.24
N VAL A 400 13.72 -4.33 -9.12
CA VAL A 400 13.43 -5.72 -8.80
C VAL A 400 13.93 -6.58 -9.99
N PRO A 401 15.26 -6.66 -10.17
CA PRO A 401 15.76 -7.41 -11.33
C PRO A 401 15.37 -8.90 -11.35
N SER A 402 15.18 -9.48 -10.17
CA SER A 402 14.69 -10.86 -10.06
C SER A 402 13.33 -11.07 -10.73
N ALA A 403 12.53 -10.02 -10.85
CA ALA A 403 11.23 -10.14 -11.52
C ALA A 403 11.32 -10.47 -13.01
N ARG A 404 12.41 -10.08 -13.69
CA ARG A 404 12.60 -10.46 -15.12
C ARG A 404 12.57 -11.97 -15.37
N ASN A 405 12.85 -12.75 -14.34
CA ASN A 405 12.88 -14.20 -14.45
C ASN A 405 11.54 -14.86 -14.16
N VAL A 406 10.53 -14.11 -13.71
CA VAL A 406 9.31 -14.75 -13.25
C VAL A 406 8.30 -14.71 -14.40
N PRO A 407 7.89 -15.89 -14.89
CA PRO A 407 6.87 -15.93 -15.94
C PRO A 407 5.58 -15.32 -15.46
N TYR A 408 4.90 -14.60 -16.34
CA TYR A 408 3.67 -13.94 -15.94
C TYR A 408 2.44 -14.24 -16.76
N GLY A 409 2.56 -15.10 -17.74
CA GLY A 409 1.41 -15.58 -18.46
C GLY A 409 0.97 -14.64 -19.55
N ASN A 410 -0.09 -15.06 -20.23
CA ASN A 410 -0.61 -14.34 -21.35
C ASN A 410 -1.39 -13.15 -20.85
N ILE A 411 -1.07 -11.98 -21.38
CA ILE A 411 -1.74 -10.73 -21.03
C ILE A 411 -2.53 -10.12 -22.20
N GLN A 412 -2.77 -10.89 -23.26
CA GLN A 412 -3.44 -10.33 -24.44
C GLN A 412 -4.81 -9.77 -24.10
N SER A 413 -5.58 -10.47 -23.25
CA SER A 413 -6.90 -10.00 -22.89
C SER A 413 -6.83 -8.62 -22.21
N ARG A 414 -5.82 -8.40 -21.38
CA ARG A 414 -5.69 -7.10 -20.75
C ARG A 414 -5.21 -6.02 -21.71
N LEU A 415 -4.31 -6.36 -22.62
CA LEU A 415 -3.83 -5.39 -23.62
C LEU A 415 -4.98 -4.99 -24.56
N GLU A 416 -5.81 -5.96 -24.88
CA GLU A 416 -7.00 -5.69 -25.73
C GLU A 416 -7.95 -4.76 -24.99
N LEU A 417 -8.11 -4.99 -23.69
CA LEU A 417 -8.93 -4.13 -22.85
C LEU A 417 -8.40 -2.71 -22.86
N ARG A 418 -7.10 -2.56 -22.64
CA ARG A 418 -6.48 -1.24 -22.68
C ARG A 418 -6.73 -0.52 -24.01
N LYS A 419 -6.64 -1.27 -25.09
CA LYS A 419 -6.84 -0.69 -26.42
C LYS A 419 -8.28 -0.30 -26.63
N LYS A 420 -9.21 -1.17 -26.24
CA LYS A 420 -10.65 -0.90 -26.35
C LYS A 420 -11.09 0.34 -25.57
N LEU A 421 -10.50 0.54 -24.40
CA LEU A 421 -10.88 1.64 -23.54
C LEU A 421 -10.22 2.97 -23.92
N SER A 422 -9.29 2.99 -24.86
CA SER A 422 -8.61 4.25 -25.21
C SER A 422 -8.01 4.98 -23.98
N CYS A 423 -7.05 4.32 -23.36
CA CYS A 423 -6.40 4.82 -22.14
C CYS A 423 -5.18 5.67 -22.45
N LYS A 424 -4.84 6.59 -21.54
CA LYS A 424 -3.66 7.43 -21.70
C LYS A 424 -2.40 6.66 -21.39
N PRO A 425 -1.24 7.11 -21.89
CA PRO A 425 0.05 6.53 -21.57
C PRO A 425 0.46 6.70 -20.11
N PHE A 426 1.34 5.83 -19.66
CA PHE A 426 1.82 5.89 -18.29
C PHE A 426 2.51 7.23 -18.01
N LYS A 427 3.17 7.81 -19.00
CA LYS A 427 3.74 9.15 -18.78
C LYS A 427 2.70 10.17 -18.35
N TRP A 428 1.52 10.09 -18.94
CA TRP A 428 0.42 10.96 -18.57
C TRP A 428 0.03 10.77 -17.08
N TYR A 429 0.01 9.51 -16.63
CA TYR A 429 -0.28 9.20 -15.24
C TYR A 429 0.77 9.84 -14.32
N LEU A 430 2.04 9.72 -14.67
CA LEU A 430 3.11 10.27 -13.85
C LEU A 430 3.01 11.78 -13.80
N GLU A 431 2.72 12.42 -14.94
CA GLU A 431 2.69 13.88 -14.97
C GLU A 431 1.47 14.48 -14.30
N ASN A 432 0.32 13.84 -14.46
CA ASN A 432 -0.94 14.40 -14.01
C ASN A 432 -1.47 13.84 -12.72
N VAL A 433 -1.10 12.60 -12.40
CA VAL A 433 -1.67 11.93 -11.22
C VAL A 433 -0.65 11.72 -10.12
N TYR A 434 0.57 11.33 -10.45
CA TYR A 434 1.62 11.08 -9.44
C TYR A 434 2.94 11.78 -9.79
N PRO A 435 2.91 13.12 -9.86
CA PRO A 435 4.16 13.81 -10.18
C PRO A 435 5.19 13.79 -9.06
N GLU A 436 4.76 13.39 -7.86
CA GLU A 436 5.66 13.25 -6.71
C GLU A 436 6.56 12.03 -6.83
N LEU A 437 6.25 11.07 -7.69
CA LEU A 437 7.14 9.94 -7.87
C LEU A 437 8.36 10.41 -8.66
N ARG A 438 9.53 10.37 -8.04
CA ARG A 438 10.76 10.82 -8.71
C ARG A 438 11.17 9.85 -9.81
N VAL A 439 11.41 10.38 -11.00
CA VAL A 439 11.80 9.55 -12.13
C VAL A 439 13.33 9.68 -12.34
N PRO A 440 14.02 8.57 -12.57
CA PRO A 440 15.46 8.72 -12.82
C PRO A 440 15.77 9.55 -14.04
N ASP A 441 16.91 10.21 -14.01
CA ASP A 441 17.42 10.89 -15.20
C ASP A 441 17.81 9.85 -16.25
N HIS A 442 17.65 10.19 -17.54
CA HIS A 442 17.86 9.17 -18.58
C HIS A 442 19.29 8.64 -18.61
N GLN A 443 20.23 9.39 -18.08
CA GLN A 443 21.62 8.94 -18.06
C GLN A 443 22.12 8.44 -16.70
N ASP A 444 21.27 8.44 -15.69
CA ASP A 444 21.68 7.91 -14.39
C ASP A 444 22.13 6.45 -14.51
N ILE A 445 23.18 6.09 -13.77
CA ILE A 445 23.68 4.73 -13.65
C ILE A 445 22.91 3.92 -12.57
N ALA A 446 22.58 4.58 -11.45
CA ALA A 446 21.80 3.94 -10.39
C ALA A 446 21.04 5.04 -9.69
N PHE A 447 20.06 4.68 -8.85
CA PHE A 447 19.14 5.69 -8.37
C PHE A 447 18.37 5.16 -7.19
N GLY A 448 17.96 6.10 -6.34
CA GLY A 448 16.91 5.86 -5.36
C GLY A 448 17.44 6.10 -4.00
N ALA A 449 17.58 5.03 -3.23
CA ALA A 449 18.23 5.05 -1.91
C ALA A 449 19.48 4.16 -1.97
N LEU A 450 20.48 4.47 -1.15
CA LEU A 450 21.67 3.64 -1.03
C LEU A 450 21.61 2.92 0.29
N GLN A 451 21.30 1.63 0.23
CA GLN A 451 20.95 0.87 1.43
C GLN A 451 22.06 0.01 1.99
N GLN A 452 22.12 -0.01 3.32
CA GLN A 452 22.95 -0.92 4.06
C GLN A 452 22.11 -1.52 5.18
N GLY A 453 21.78 -2.80 5.09
CA GLY A 453 20.86 -3.37 6.06
C GLY A 453 19.54 -2.66 5.96
N THR A 454 19.01 -2.21 7.11
CA THR A 454 17.78 -1.45 7.12
C THR A 454 18.05 0.05 7.17
N ASN A 455 19.32 0.43 7.00
CA ASN A 455 19.74 1.81 7.00
C ASN A 455 19.99 2.30 5.59
N CYS A 456 19.94 3.62 5.46
CA CYS A 456 20.07 4.34 4.20
C CYS A 456 21.07 5.47 4.31
N LEU A 457 21.81 5.69 3.25
CA LEU A 457 22.66 6.88 3.10
C LEU A 457 21.78 8.13 3.28
N ASP A 458 22.21 9.04 4.15
CA ASP A 458 21.32 10.10 4.62
C ASP A 458 22.16 11.37 4.88
N THR A 459 21.72 12.51 4.33
CA THR A 459 22.41 13.78 4.56
C THR A 459 22.31 14.24 5.99
N LEU A 460 21.35 13.70 6.75
CA LEU A 460 21.09 14.12 8.12
C LEU A 460 20.75 15.59 8.18
N GLY A 461 20.29 16.13 7.05
CA GLY A 461 19.88 17.50 6.94
C GLY A 461 21.05 18.42 6.75
N HIS A 462 22.20 17.86 6.48
CA HIS A 462 23.40 18.70 6.31
C HIS A 462 23.52 19.34 4.94
N PHE A 463 24.40 20.33 4.87
CA PHE A 463 24.63 21.05 3.63
C PHE A 463 26.12 20.99 3.28
N ALA A 464 26.57 21.80 2.33
CA ALA A 464 27.96 21.75 1.92
C ALA A 464 28.87 21.87 3.13
N ASP A 465 29.96 21.11 3.10
CA ASP A 465 30.96 20.96 4.17
C ASP A 465 30.51 20.02 5.32
N GLY A 466 29.29 19.50 5.24
CA GLY A 466 28.74 18.64 6.27
C GLY A 466 29.06 17.18 6.04
N VAL A 467 29.03 16.40 7.10
CA VAL A 467 29.24 14.94 7.00
C VAL A 467 27.96 14.27 6.51
N VAL A 468 28.08 13.01 6.11
CA VAL A 468 26.87 12.20 5.82
C VAL A 468 26.82 11.01 6.75
N GLY A 469 25.63 10.46 6.93
CA GLY A 469 25.45 9.37 7.84
C GLY A 469 24.57 8.30 7.29
N VAL A 470 24.22 7.39 8.18
CA VAL A 470 23.24 6.35 7.91
C VAL A 470 22.11 6.63 8.83
N TYR A 471 20.92 6.24 8.41
CA TYR A 471 19.74 6.49 9.17
C TYR A 471 18.73 5.43 8.73
N GLU A 472 17.84 5.01 9.62
CA GLU A 472 16.81 4.03 9.23
C GLU A 472 16.12 4.44 7.94
N CYS A 473 16.03 3.51 7.00
CA CYS A 473 15.35 3.80 5.75
C CYS A 473 13.87 4.07 6.01
N HIS A 474 13.37 5.17 5.46
CA HIS A 474 11.97 5.50 5.66
C HIS A 474 11.15 5.50 4.42
N ASN A 475 11.75 5.31 3.25
CA ASN A 475 11.01 5.34 1.96
C ASN A 475 10.22 6.64 1.64
N ALA A 476 10.61 7.75 2.23
CA ALA A 476 9.97 9.02 2.06
C ALA A 476 10.80 9.99 1.21
N GLY A 477 11.91 9.50 0.63
CA GLY A 477 12.76 10.30 -0.20
C GLY A 477 13.51 11.31 0.66
N GLY A 478 13.36 12.59 0.36
CA GLY A 478 13.98 13.62 1.19
C GLY A 478 15.47 13.44 1.29
N ASN A 479 15.94 13.40 2.53
CA ASN A 479 17.37 13.32 2.82
C ASN A 479 17.98 11.95 2.46
N GLN A 480 17.16 11.01 1.99
CA GLN A 480 17.63 9.70 1.56
C GLN A 480 17.54 9.51 0.06
N GLU A 481 17.34 10.58 -0.67
CA GLU A 481 17.26 10.53 -2.14
C GLU A 481 18.62 10.75 -2.77
N TRP A 482 19.08 9.76 -3.53
CA TRP A 482 20.40 9.86 -4.22
C TRP A 482 20.31 9.36 -5.65
N ALA A 483 21.28 9.74 -6.46
CA ALA A 483 21.48 9.09 -7.73
C ALA A 483 22.97 8.91 -7.94
N LEU A 484 23.34 7.88 -8.69
CA LEU A 484 24.71 7.73 -9.22
C LEU A 484 24.58 8.19 -10.66
N THR A 485 25.18 9.34 -10.94
CA THR A 485 24.95 10.05 -12.18
C THR A 485 25.84 9.51 -13.29
N LYS A 486 25.58 9.99 -14.49
CA LYS A 486 26.35 9.57 -15.66
C LYS A 486 27.83 9.92 -15.45
N GLU A 487 28.08 11.01 -14.73
CA GLU A 487 29.44 11.44 -14.42
C GLU A 487 30.06 10.74 -13.21
N LYS A 488 29.36 9.71 -12.70
CA LYS A 488 29.83 8.87 -11.59
C LYS A 488 29.79 9.57 -10.23
N SER A 489 28.99 10.61 -10.11
CA SER A 489 28.85 11.28 -8.82
C SER A 489 27.68 10.68 -8.04
N VAL A 490 27.78 10.74 -6.72
CA VAL A 490 26.66 10.32 -5.86
C VAL A 490 26.03 11.60 -5.34
N LYS A 491 24.86 11.90 -5.90
CA LYS A 491 24.27 13.25 -5.90
C LYS A 491 22.97 13.31 -5.17
N HIS A 492 22.81 14.33 -4.34
CA HIS A 492 21.57 14.72 -3.68
C HIS A 492 21.39 16.21 -3.93
N MET A 493 20.33 16.59 -4.65
CA MET A 493 20.07 17.97 -5.02
C MET A 493 21.34 18.46 -5.73
N ASP A 494 22.00 19.51 -5.24
CA ASP A 494 23.21 20.09 -5.85
C ASP A 494 24.49 19.64 -5.12
N LEU A 495 24.39 18.62 -4.27
CA LEU A 495 25.50 18.20 -3.44
C LEU A 495 25.93 16.77 -3.81
N CYS A 496 27.23 16.52 -3.68
CA CYS A 496 27.83 15.26 -4.10
C CYS A 496 28.76 14.73 -2.99
N LEU A 497 28.78 13.40 -2.81
CA LEU A 497 29.72 12.80 -1.91
C LEU A 497 31.15 13.05 -2.37
N THR A 498 31.94 13.67 -1.49
CA THR A 498 33.28 14.12 -1.83
C THR A 498 34.36 13.55 -0.90
N VAL A 499 35.34 12.93 -1.52
CA VAL A 499 36.51 12.40 -0.80
C VAL A 499 37.48 13.54 -0.57
N VAL A 500 37.22 14.32 0.47
CA VAL A 500 38.00 15.53 0.78
C VAL A 500 39.39 15.16 1.31
N ASP A 501 39.54 13.92 1.77
CA ASP A 501 40.82 13.42 2.31
C ASP A 501 40.87 11.95 2.00
N ARG A 502 41.86 11.54 1.24
CA ARG A 502 42.01 10.18 0.80
C ARG A 502 42.63 9.25 1.85
N ALA A 503 43.04 9.77 3.00
CA ALA A 503 43.63 8.91 3.99
C ALA A 503 42.56 7.97 4.50
N PRO A 504 42.87 6.67 4.54
CA PRO A 504 41.88 5.72 5.08
C PRO A 504 41.44 6.10 6.49
N GLY A 505 40.13 5.99 6.74
CA GLY A 505 39.52 6.41 7.97
C GLY A 505 38.92 7.79 7.91
N SER A 506 39.19 8.57 6.86
CA SER A 506 38.70 9.95 6.78
C SER A 506 37.20 10.03 6.51
N LEU A 507 36.53 10.96 7.19
CA LEU A 507 35.15 11.25 6.85
C LEU A 507 35.05 11.86 5.46
N ILE A 508 34.02 11.47 4.73
CA ILE A 508 33.66 12.13 3.49
C ILE A 508 32.77 13.33 3.82
N LYS A 509 32.60 14.20 2.85
CA LYS A 509 31.79 15.38 3.00
C LYS A 509 30.88 15.62 1.80
N LEU A 510 29.76 16.29 2.07
CA LEU A 510 28.93 16.86 1.04
C LEU A 510 29.60 18.13 0.53
N GLN A 511 29.79 18.24 -0.78
CA GLN A 511 30.22 19.52 -1.39
C GLN A 511 29.45 19.74 -2.68
N GLY A 512 29.43 20.98 -3.17
CA GLY A 512 28.77 21.21 -4.41
C GLY A 512 29.31 20.32 -5.50
N CYS A 513 28.42 19.78 -6.32
CA CYS A 513 28.79 18.92 -7.42
C CYS A 513 29.56 19.67 -8.50
N ARG A 514 30.68 19.09 -8.91
CA ARG A 514 31.52 19.69 -9.92
C ARG A 514 31.97 18.62 -10.87
N GLU A 515 31.67 18.87 -12.12
CA GLU A 515 31.82 17.93 -13.20
C GLU A 515 33.07 17.11 -13.24
N ASP A 516 34.21 17.75 -13.11
CA ASP A 516 35.45 17.05 -13.29
C ASP A 516 36.24 16.93 -12.02
N ASP A 517 35.57 16.78 -10.90
CA ASP A 517 36.26 16.68 -9.63
C ASP A 517 36.46 15.18 -9.39
N SER A 518 37.72 14.77 -9.42
CA SER A 518 38.06 13.35 -9.20
C SER A 518 37.66 12.90 -7.80
N ARG A 519 37.53 13.83 -6.86
CA ARG A 519 37.20 13.46 -5.49
CA ARG A 519 37.19 13.50 -5.49
C ARG A 519 35.72 13.09 -5.37
N GLN A 520 34.94 13.33 -6.41
CA GLN A 520 33.51 13.06 -6.36
C GLN A 520 33.09 11.83 -7.18
N LYS A 521 34.04 11.00 -7.61
CA LYS A 521 33.71 9.88 -8.50
C LYS A 521 33.66 8.55 -7.77
N TRP A 522 32.58 7.81 -8.00
CA TRP A 522 32.33 6.55 -7.37
C TRP A 522 31.83 5.51 -8.35
N GLU A 523 31.96 4.24 -7.96
CA GLU A 523 31.51 3.15 -8.80
C GLU A 523 31.01 1.97 -7.96
N GLN A 524 29.96 1.33 -8.45
CA GLN A 524 29.46 0.07 -7.90
C GLN A 524 30.40 -1.08 -8.24
N ILE A 525 30.71 -1.92 -7.26
CA ILE A 525 31.55 -3.08 -7.46
C ILE A 525 30.95 -4.29 -6.80
N GLU A 526 31.48 -5.46 -7.17
CA GLU A 526 31.14 -6.73 -6.55
C GLU A 526 29.69 -7.05 -6.64
N GLY A 527 29.21 -7.09 -7.87
CA GLY A 527 27.79 -7.34 -8.12
C GLY A 527 26.91 -6.30 -7.47
N ASN A 528 27.33 -5.03 -7.61
CA ASN A 528 26.55 -3.90 -7.13
C ASN A 528 26.25 -4.03 -5.64
N SER A 529 27.25 -4.41 -4.88
CA SER A 529 27.12 -4.61 -3.44
C SER A 529 28.01 -3.73 -2.60
N LYS A 530 28.89 -2.96 -3.24
CA LYS A 530 29.78 -2.03 -2.55
C LYS A 530 29.95 -0.79 -3.42
N LEU A 531 30.50 0.26 -2.82
CA LEU A 531 30.72 1.51 -3.52
C LEU A 531 32.17 1.95 -3.31
N ARG A 532 32.90 1.89 -4.41
CA ARG A 532 34.33 2.24 -4.40
C ARG A 532 34.60 3.61 -5.00
N HIS A 533 35.53 4.34 -4.40
CA HIS A 533 35.97 5.62 -4.96
C HIS A 533 36.82 5.35 -6.17
N VAL A 534 36.47 5.95 -7.29
CA VAL A 534 37.07 5.63 -8.57
C VAL A 534 38.55 5.97 -8.56
N GLY A 535 39.34 5.05 -9.07
CA GLY A 535 40.81 5.22 -9.11
C GLY A 535 41.52 4.98 -7.80
N SER A 536 40.84 4.36 -6.84
CA SER A 536 41.44 4.07 -5.57
C SER A 536 41.05 2.66 -5.15
N ASN A 537 41.66 2.23 -4.05
CA ASN A 537 41.20 1.04 -3.32
C ASN A 537 40.48 1.43 -2.01
N LEU A 538 39.70 2.51 -2.09
CA LEU A 538 38.91 3.02 -0.98
C LEU A 538 37.45 2.76 -1.24
N CYS A 539 36.75 2.26 -0.21
CA CYS A 539 35.34 2.00 -0.29
C CYS A 539 34.61 2.79 0.79
N LEU A 540 33.34 3.08 0.53
CA LEU A 540 32.48 3.79 1.47
C LEU A 540 32.26 2.82 2.67
N ASP A 541 32.40 3.35 3.88
CA ASP A 541 32.34 2.53 5.08
C ASP A 541 31.57 3.25 6.19
N SER A 542 30.62 2.55 6.83
CA SER A 542 29.88 3.12 7.96
C SER A 542 30.50 2.84 9.32
N ARG A 543 31.69 2.22 9.37
CA ARG A 543 32.30 1.90 10.66
C ARG A 543 32.55 3.12 11.51
N THR A 544 32.64 4.29 10.87
CA THR A 544 32.85 5.60 11.54
C THR A 544 31.55 6.32 11.89
N ALA A 545 30.39 5.72 11.61
CA ALA A 545 29.13 6.45 11.85
C ALA A 545 28.95 6.97 13.29
N LYS A 546 29.34 6.19 14.30
CA LYS A 546 29.22 6.68 15.68
C LYS A 546 30.10 7.89 15.96
N SER A 547 31.24 7.94 15.30
CA SER A 547 32.24 8.95 15.61
C SER A 547 32.19 10.14 14.70
N GLY A 548 31.14 10.25 13.87
CA GLY A 548 30.98 11.46 13.11
C GLY A 548 30.43 11.37 11.69
N GLY A 549 30.34 10.19 11.09
CA GLY A 549 29.78 10.06 9.74
C GLY A 549 30.42 8.94 8.93
N LEU A 550 30.08 8.85 7.65
CA LEU A 550 30.65 7.82 6.77
C LEU A 550 32.07 8.21 6.33
N SER A 551 32.88 7.17 6.11
CA SER A 551 34.30 7.35 5.75
C SER A 551 34.66 6.63 4.48
N VAL A 552 35.87 6.93 4.00
CA VAL A 552 36.53 6.05 3.05
C VAL A 552 37.45 5.13 3.87
N GLU A 553 37.53 3.89 3.45
CA GLU A 553 38.33 2.88 4.13
C GLU A 553 38.94 1.98 3.08
N VAL A 554 40.09 1.36 3.39
CA VAL A 554 40.64 0.34 2.52
C VAL A 554 39.54 -0.70 2.22
N CYS A 555 39.32 -0.99 0.93
CA CYS A 555 38.28 -1.96 0.55
C CYS A 555 38.63 -3.29 1.16
N GLY A 556 37.65 -3.91 1.83
CA GLY A 556 37.87 -5.19 2.48
C GLY A 556 36.53 -5.85 2.72
N PRO A 557 36.56 -7.10 3.19
CA PRO A 557 35.36 -7.93 3.31
C PRO A 557 34.61 -7.60 4.61
N ALA A 558 33.97 -6.45 4.62
CA ALA A 558 33.38 -5.88 5.84
C ALA A 558 31.91 -5.64 5.65
N LEU A 559 31.14 -6.02 6.65
CA LEU A 559 29.72 -5.75 6.64
C LEU A 559 29.44 -4.29 6.45
N SER A 560 30.26 -3.45 7.09
CA SER A 560 30.06 -2.00 7.00
C SER A 560 30.45 -1.33 5.68
N GLN A 561 30.92 -2.12 4.72
CA GLN A 561 31.15 -1.66 3.36
C GLN A 561 30.15 -2.15 2.35
N GLN A 562 29.05 -2.77 2.81
CA GLN A 562 27.99 -3.21 1.89
C GLN A 562 27.02 -2.07 1.66
N TRP A 563 26.82 -1.73 0.38
CA TRP A 563 25.90 -0.67 -0.05
C TRP A 563 25.28 -1.06 -1.37
N LYS A 564 23.96 -0.87 -1.52
CA LYS A 564 23.30 -1.20 -2.75
C LYS A 564 22.24 -0.18 -3.08
N PHE A 565 22.27 0.33 -4.31
CA PHE A 565 21.24 1.27 -4.73
C PHE A 565 19.94 0.50 -4.95
N THR A 566 18.81 1.15 -4.65
CA THR A 566 17.53 0.48 -4.86
C THR A 566 17.23 0.23 -6.35
N LEU A 567 17.64 1.12 -7.25
CA LEU A 567 17.52 0.93 -8.70
C LEU A 567 18.90 0.88 -9.32
N ASN A 568 19.16 -0.20 -10.05
CA ASN A 568 20.36 -0.25 -10.88
C ASN A 568 19.94 -0.19 -12.33
N LEU A 569 20.39 0.84 -13.01
CA LEU A 569 19.88 1.16 -14.32
C LEU A 569 20.94 0.67 -15.34
N THR B 3 7.31 -10.88 1.32
CA THR B 3 6.10 -10.13 0.87
C THR B 3 5.31 -9.67 2.08
N THR B 4 5.34 -8.38 2.38
CA THR B 4 4.73 -7.89 3.62
C THR B 4 3.34 -7.31 3.34
N PRO B 5 2.43 -7.46 4.31
CA PRO B 5 1.09 -6.94 4.10
C PRO B 5 1.01 -5.42 4.13
N SER B 6 -0.20 -4.91 3.96
CA SER B 6 -0.39 -3.44 3.96
C SER B 6 0.14 -2.83 5.25
N PRO B 7 0.96 -1.81 5.15
CA PRO B 7 1.58 -1.28 6.36
C PRO B 7 0.69 -0.27 7.10
N VAL B 8 0.81 -0.22 8.43
CA VAL B 8 0.17 0.84 9.23
C VAL B 8 0.61 2.21 8.71
N PRO B 9 -0.29 3.20 8.67
CA PRO B 9 0.03 4.51 8.08
C PRO B 9 0.94 5.37 8.92
N THR B 10 2.20 5.38 8.52
CA THR B 10 3.22 6.21 9.17
C THR B 10 4.18 6.70 8.11
N THR B 11 5.08 7.58 8.51
CA THR B 11 6.11 8.08 7.61
C THR B 11 7.29 8.53 8.48
N SER B 12 8.28 9.14 7.85
CA SER B 12 9.43 9.61 8.56
C SER B 12 9.00 10.55 9.69
N THR B 13 9.72 10.51 10.79
CA THR B 13 9.47 11.44 11.88
C THR B 13 10.29 12.71 11.80
N THR B 14 10.99 12.93 10.71
CA THR B 14 11.66 14.20 10.49
C THR B 14 11.29 14.76 9.14
N SER B 15 11.63 16.02 8.93
CA SER B 15 11.43 16.71 7.65
C SER B 15 12.68 16.85 6.84
N ALA B 16 12.57 16.66 5.51
CA ALA B 16 13.73 16.85 4.61
C ALA B 16 14.22 18.28 4.64
N ALA B 17 15.63 18.65 4.54
#